data_8YG2
# 
_entry.id   8YG2 
# 
_audit_conform.dict_name       mmcif_pdbx.dic 
_audit_conform.dict_version    5.398 
_audit_conform.dict_location   http://mmcif.pdb.org/dictionaries/ascii/mmcif_pdbx.dic 
# 
loop_
_database_2.database_id 
_database_2.database_code 
_database_2.pdbx_database_accession 
_database_2.pdbx_DOI 
PDB   8YG2         pdb_00008yg2 10.2210/pdb8yg2/pdb 
WWPDB D_1300045581 ?            ?                   
# 
loop_
_pdbx_audit_revision_history.ordinal 
_pdbx_audit_revision_history.data_content_type 
_pdbx_audit_revision_history.major_revision 
_pdbx_audit_revision_history.minor_revision 
_pdbx_audit_revision_history.revision_date 
1 'Structure model' 1 0 2024-05-08 
2 'Structure model' 1 1 2024-11-20 
# 
_pdbx_audit_revision_details.ordinal             1 
_pdbx_audit_revision_details.revision_ordinal    1 
_pdbx_audit_revision_details.data_content_type   'Structure model' 
_pdbx_audit_revision_details.provider            repository 
_pdbx_audit_revision_details.type                'Initial release' 
_pdbx_audit_revision_details.description         ? 
_pdbx_audit_revision_details.details             ? 
# 
_pdbx_audit_revision_group.ordinal             1 
_pdbx_audit_revision_group.revision_ordinal    2 
_pdbx_audit_revision_group.data_content_type   'Structure model' 
_pdbx_audit_revision_group.group               'Structure summary' 
# 
loop_
_pdbx_audit_revision_category.ordinal 
_pdbx_audit_revision_category.revision_ordinal 
_pdbx_audit_revision_category.data_content_type 
_pdbx_audit_revision_category.category 
1 2 'Structure model' pdbx_entry_details        
2 2 'Structure model' pdbx_modification_feature 
# 
_pdbx_audit_revision_item.ordinal             1 
_pdbx_audit_revision_item.revision_ordinal    2 
_pdbx_audit_revision_item.data_content_type   'Structure model' 
_pdbx_audit_revision_item.item                '_pdbx_entry_details.has_protein_modification' 
# 
_pdbx_database_status.status_code                     REL 
_pdbx_database_status.status_code_sf                  REL 
_pdbx_database_status.status_code_mr                  ? 
_pdbx_database_status.entry_id                        8YG2 
_pdbx_database_status.recvd_initial_deposition_date   2024-02-26 
_pdbx_database_status.SG_entry                        N 
_pdbx_database_status.deposit_site                    PDBJ 
_pdbx_database_status.process_site                    PDBJ 
_pdbx_database_status.status_code_cs                  ? 
_pdbx_database_status.status_code_nmr_data            ? 
_pdbx_database_status.methods_development_category    ? 
_pdbx_database_status.pdb_format_compatible           Y 
# 
_pdbx_contact_author.id                 2 
_pdbx_contact_author.email              ysohma@wakayama-med.ac.jp 
_pdbx_contact_author.name_first         Youhei 
_pdbx_contact_author.name_last          Sohma 
_pdbx_contact_author.name_mi            ? 
_pdbx_contact_author.role               'principal investigator/group leader' 
_pdbx_contact_author.identifier_ORCID   0000-0002-1154-3903 
# 
loop_
_audit_author.name 
_audit_author.pdbx_ordinal 
_audit_author.identifier_ORCID 
'Sawazaki, T.' 1 0000-0001-5650-998X 
'Sasaki, D.'   2 0000-0002-2224-1900 
'Sohma, Y.'    3 0000-0002-1154-3903 
# 
_citation.abstract                  ? 
_citation.abstract_id_CAS           ? 
_citation.book_id_ISBN              ? 
_citation.book_publisher            ? 
_citation.book_publisher_city       ? 
_citation.book_title                ? 
_citation.coordinate_linkage        ? 
_citation.country                   US 
_citation.database_id_Medline       ? 
_citation.details                   ? 
_citation.id                        primary 
_citation.journal_abbrev            Proc.Natl.Acad.Sci.USA 
_citation.journal_id_ASTM           PNASA6 
_citation.journal_id_CSD            0040 
_citation.journal_id_ISSN           1091-6490 
_citation.journal_full              ? 
_citation.journal_issue             ? 
_citation.journal_volume            121 
_citation.language                  ? 
_citation.page_first                e2314704121 
_citation.page_last                 e2314704121 
_citation.title                     'Catalysis driven by an amyloid-substrate complex.' 
_citation.year                      2024 
_citation.database_id_CSD           ? 
_citation.pdbx_database_id_DOI      10.1073/pnas.2314704121 
_citation.pdbx_database_id_PubMed   38691589 
_citation.pdbx_database_id_patent   ? 
_citation.unpublished_flag          ? 
# 
loop_
_citation_author.citation_id 
_citation_author.name 
_citation_author.ordinal 
_citation_author.identifier_ORCID 
primary 'Sawazaki, T.' 1 0000-0001-5650-998X 
primary 'Sasaki, D.'   2 0000-0002-2224-1900 
primary 'Sohma, Y.'    3 0000-0002-1154-3903 
# 
loop_
_entity.id 
_entity.type 
_entity.src_method 
_entity.pdbx_description 
_entity.formula_weight 
_entity.pdbx_number_of_molecules 
_entity.pdbx_ec 
_entity.pdbx_mutation 
_entity.pdbx_fragment 
_entity.details 
1 polymer     syn 'Amyloidogenic peptide from Islet Amyloid Polypeptide' 715.862 1 ? ? ? ? 
2 non-polymer syn 'FORMIC ACID'                                          46.025  1 ? ? ? ? 
# 
_entity_poly.entity_id                      1 
_entity_poly.type                           'polypeptide(L)' 
_entity_poly.nstd_linkage                   no 
_entity_poly.nstd_monomer                   yes 
_entity_poly.pdbx_seq_one_letter_code       '(PIV)NFGAIL(NH2)' 
_entity_poly.pdbx_seq_one_letter_code_can   XNFGAILX 
_entity_poly.pdbx_strand_id                 A 
_entity_poly.pdbx_target_identifier         ? 
# 
_pdbx_entity_nonpoly.entity_id   2 
_pdbx_entity_nonpoly.name        'FORMIC ACID' 
_pdbx_entity_nonpoly.comp_id     FMT 
# 
loop_
_entity_poly_seq.entity_id 
_entity_poly_seq.num 
_entity_poly_seq.mon_id 
_entity_poly_seq.hetero 
1 1 PIV n 
1 2 ASN n 
1 3 PHE n 
1 4 GLY n 
1 5 ALA n 
1 6 ILE n 
1 7 LEU n 
1 8 NH2 n 
# 
_pdbx_entity_src_syn.entity_id              1 
_pdbx_entity_src_syn.pdbx_src_id            1 
_pdbx_entity_src_syn.pdbx_alt_source_flag   sample 
_pdbx_entity_src_syn.pdbx_beg_seq_num       1 
_pdbx_entity_src_syn.pdbx_end_seq_num       8 
_pdbx_entity_src_syn.organism_scientific    'Homo sapiens' 
_pdbx_entity_src_syn.organism_common_name   human 
_pdbx_entity_src_syn.ncbi_taxonomy_id       9606 
_pdbx_entity_src_syn.details                ? 
# 
loop_
_chem_comp.id 
_chem_comp.type 
_chem_comp.mon_nstd_flag 
_chem_comp.name 
_chem_comp.pdbx_synonyms 
_chem_comp.formula 
_chem_comp.formula_weight 
ALA 'L-peptide linking' y ALANINE        ? 'C3 H7 N O2'  89.093  
ASN 'L-peptide linking' y ASPARAGINE     ? 'C4 H8 N2 O3' 132.118 
FMT non-polymer         . 'FORMIC ACID'  ? 'C H2 O2'     46.025  
GLY 'peptide linking'   y GLYCINE        ? 'C2 H5 N O2'  75.067  
ILE 'L-peptide linking' y ISOLEUCINE     ? 'C6 H13 N O2' 131.173 
LEU 'L-peptide linking' y LEUCINE        ? 'C6 H13 N O2' 131.173 
NH2 non-polymer         . 'AMINO GROUP'  ? 'H2 N'        16.023  
PHE 'L-peptide linking' y PHENYLALANINE  ? 'C9 H11 N O2' 165.189 
PIV 'L-peptide linking' . 'PIVALIC ACID' ? 'C5 H10 O2'   102.132 
# 
loop_
_pdbx_poly_seq_scheme.asym_id 
_pdbx_poly_seq_scheme.entity_id 
_pdbx_poly_seq_scheme.seq_id 
_pdbx_poly_seq_scheme.mon_id 
_pdbx_poly_seq_scheme.ndb_seq_num 
_pdbx_poly_seq_scheme.pdb_seq_num 
_pdbx_poly_seq_scheme.auth_seq_num 
_pdbx_poly_seq_scheme.pdb_mon_id 
_pdbx_poly_seq_scheme.auth_mon_id 
_pdbx_poly_seq_scheme.pdb_strand_id 
_pdbx_poly_seq_scheme.pdb_ins_code 
_pdbx_poly_seq_scheme.hetero 
A 1 1 PIV 1 0 0 PIV PIV A . n 
A 1 2 ASN 2 1 1 ASN ASN A . n 
A 1 3 PHE 3 2 2 PHE PHE A . n 
A 1 4 GLY 4 3 3 GLY GLY A . n 
A 1 5 ALA 5 4 4 ALA ALA A . n 
A 1 6 ILE 6 5 5 ILE ILE A . n 
A 1 7 LEU 7 6 6 LEU LEU A . n 
A 1 8 NH2 8 7 7 NH2 NH2 A . n 
# 
_pdbx_nonpoly_scheme.asym_id         B 
_pdbx_nonpoly_scheme.entity_id       2 
_pdbx_nonpoly_scheme.mon_id          FMT 
_pdbx_nonpoly_scheme.ndb_seq_num     1 
_pdbx_nonpoly_scheme.pdb_seq_num     101 
_pdbx_nonpoly_scheme.auth_seq_num    101 
_pdbx_nonpoly_scheme.pdb_mon_id      FMT 
_pdbx_nonpoly_scheme.auth_mon_id     FMT 
_pdbx_nonpoly_scheme.pdb_strand_id   A 
_pdbx_nonpoly_scheme.pdb_ins_code    . 
# 
loop_
_software.citation_id 
_software.classification 
_software.compiler_name 
_software.compiler_version 
_software.contact_author 
_software.contact_author_email 
_software.date 
_software.description 
_software.dependencies 
_software.hardware 
_software.language 
_software.location 
_software.mods 
_software.name 
_software.os 
_software.os_version 
_software.type 
_software.version 
_software.pdbx_ordinal 
? refinement       ? ? ? ? ? ? ? ? ? ? ? REFMAC ? ? ? 5.8.0267 1 
? 'data reduction' ? ? ? ? ? ? ? ? ? ? ? DIALS  ? ? ? 2.2.10   2 
? 'data scaling'   ? ? ? ? ? ? ? ? ? ? ? DIALS  ? ? ? 2.2.10   3 
? phasing          ? ? ? ? ? ? ? ? ? ? ? PHASER ? ? ? 2.8.3    4 
? 'model building' ? ? ? ? ? ? ? ? ? ? ? Coot   ? ? ? 0.9.6    5 
# 
_cell.angle_alpha                  90.00 
_cell.angle_alpha_esd              ? 
_cell.angle_beta                   88.60 
_cell.angle_beta_esd               ? 
_cell.angle_gamma                  90.00 
_cell.angle_gamma_esd              ? 
_cell.entry_id                     8YG2 
_cell.details                      ? 
_cell.formula_units_Z              ? 
_cell.length_a                     4.864 
_cell.length_a_esd                 ? 
_cell.length_b                     20.466 
_cell.length_b_esd                 ? 
_cell.length_c                     20.855 
_cell.length_c_esd                 ? 
_cell.volume                       ? 
_cell.volume_esd                   ? 
_cell.Z_PDB                        2 
_cell.reciprocal_angle_alpha       ? 
_cell.reciprocal_angle_beta        ? 
_cell.reciprocal_angle_gamma       ? 
_cell.reciprocal_angle_alpha_esd   ? 
_cell.reciprocal_angle_beta_esd    ? 
_cell.reciprocal_angle_gamma_esd   ? 
_cell.reciprocal_length_a          ? 
_cell.reciprocal_length_b          ? 
_cell.reciprocal_length_c          ? 
_cell.reciprocal_length_a_esd      ? 
_cell.reciprocal_length_b_esd      ? 
_cell.reciprocal_length_c_esd      ? 
_cell.pdbx_unique_axis             ? 
_cell.pdbx_esd_method              ? 
# 
_symmetry.entry_id                         8YG2 
_symmetry.cell_setting                     ? 
_symmetry.Int_Tables_number                4 
_symmetry.space_group_name_Hall            ? 
_symmetry.space_group_name_H-M             'P 1 21 1' 
_symmetry.pdbx_full_space_group_name_H-M   ? 
# 
_exptl.absorpt_coefficient_mu     ? 
_exptl.absorpt_correction_T_max   ? 
_exptl.absorpt_correction_T_min   ? 
_exptl.absorpt_correction_type    ? 
_exptl.absorpt_process_details    ? 
_exptl.entry_id                   8YG2 
_exptl.crystals_number            1 
_exptl.details                    ? 
_exptl.method                     'X-RAY DIFFRACTION' 
_exptl.method_details             ? 
# 
_exptl_crystal.colour                       ? 
_exptl_crystal.density_diffrn               ? 
_exptl_crystal.density_Matthews             1.54 
_exptl_crystal.density_method               ? 
_exptl_crystal.density_percent_sol          15.15 
_exptl_crystal.description                  Needle 
_exptl_crystal.F_000                        ? 
_exptl_crystal.id                           1 
_exptl_crystal.preparation                  ? 
_exptl_crystal.size_max                     ? 
_exptl_crystal.size_mid                     ? 
_exptl_crystal.size_min                     ? 
_exptl_crystal.size_rad                     ? 
_exptl_crystal.colour_lustre                ? 
_exptl_crystal.colour_modifier              ? 
_exptl_crystal.colour_primary               ? 
_exptl_crystal.density_meas                 ? 
_exptl_crystal.density_meas_esd             ? 
_exptl_crystal.density_meas_gt              ? 
_exptl_crystal.density_meas_lt              ? 
_exptl_crystal.density_meas_temp            ? 
_exptl_crystal.density_meas_temp_esd        ? 
_exptl_crystal.density_meas_temp_gt         ? 
_exptl_crystal.density_meas_temp_lt         ? 
_exptl_crystal.pdbx_crystal_image_url       ? 
_exptl_crystal.pdbx_crystal_image_format    ? 
_exptl_crystal.pdbx_mosaicity               ? 
_exptl_crystal.pdbx_mosaicity_esd           ? 
_exptl_crystal.pdbx_mosaic_method           ? 
_exptl_crystal.pdbx_mosaic_block_size       ? 
_exptl_crystal.pdbx_mosaic_block_size_esd   ? 
# 
_exptl_crystal_grow.apparatus       ? 
_exptl_crystal_grow.atmosphere      ? 
_exptl_crystal_grow.crystal_id      1 
_exptl_crystal_grow.details         ? 
_exptl_crystal_grow.method          EVAPORATION 
_exptl_crystal_grow.method_ref      ? 
_exptl_crystal_grow.pH              ? 
_exptl_crystal_grow.pressure        ? 
_exptl_crystal_grow.pressure_esd    ? 
_exptl_crystal_grow.seeding         ? 
_exptl_crystal_grow.seeding_ref     ? 
_exptl_crystal_grow.temp_details    ? 
_exptl_crystal_grow.temp_esd        ? 
_exptl_crystal_grow.time            ? 
_exptl_crystal_grow.pdbx_details    'Formic acid' 
_exptl_crystal_grow.pdbx_pH_range   2.0-3.0 
_exptl_crystal_grow.temp            298 
# 
_diffrn.ambient_environment              ? 
_diffrn.ambient_temp                     100 
_diffrn.ambient_temp_details             ? 
_diffrn.ambient_temp_esd                 ? 
_diffrn.crystal_id                       1 
_diffrn.crystal_support                  ? 
_diffrn.crystal_treatment                ? 
_diffrn.details                          ? 
_diffrn.id                               1 
_diffrn.ambient_pressure                 ? 
_diffrn.ambient_pressure_esd             ? 
_diffrn.ambient_pressure_gt              ? 
_diffrn.ambient_pressure_lt              ? 
_diffrn.ambient_temp_gt                  ? 
_diffrn.ambient_temp_lt                  ? 
_diffrn.pdbx_serial_crystal_experiment   N 
# 
_diffrn_detector.details                      ? 
_diffrn_detector.detector                     PIXEL 
_diffrn_detector.diffrn_id                    1 
_diffrn_detector.type                         'DECTRIS EIGER X 4M' 
_diffrn_detector.area_resol_mean              ? 
_diffrn_detector.dtime                        ? 
_diffrn_detector.pdbx_frames_total            ? 
_diffrn_detector.pdbx_collection_time_total   ? 
_diffrn_detector.pdbx_collection_date         2022-10-21 
_diffrn_detector.pdbx_frequency               ? 
_diffrn_detector.id                           ? 
_diffrn_detector.number_of_axes               ? 
# 
_diffrn_radiation.collimation                      ? 
_diffrn_radiation.diffrn_id                        1 
_diffrn_radiation.filter_edge                      ? 
_diffrn_radiation.inhomogeneity                    ? 
_diffrn_radiation.monochromator                    ? 
_diffrn_radiation.polarisn_norm                    ? 
_diffrn_radiation.polarisn_ratio                   ? 
_diffrn_radiation.probe                            ? 
_diffrn_radiation.type                             ? 
_diffrn_radiation.xray_symbol                      ? 
_diffrn_radiation.wavelength_id                    1 
_diffrn_radiation.pdbx_monochromatic_or_laue_m_l   M 
_diffrn_radiation.pdbx_wavelength_list             ? 
_diffrn_radiation.pdbx_wavelength                  ? 
_diffrn_radiation.pdbx_diffrn_protocol             'SINGLE WAVELENGTH' 
_diffrn_radiation.pdbx_analyzer                    ? 
_diffrn_radiation.pdbx_scattering_type             x-ray 
# 
_diffrn_radiation_wavelength.id           1 
_diffrn_radiation_wavelength.wavelength   1.040 
_diffrn_radiation_wavelength.wt           1.0 
# 
_diffrn_source.current                     ? 
_diffrn_source.details                     ? 
_diffrn_source.diffrn_id                   1 
_diffrn_source.power                       ? 
_diffrn_source.size                        ? 
_diffrn_source.source                      SYNCHROTRON 
_diffrn_source.target                      ? 
_diffrn_source.type                        'PHOTON FACTORY BEAMLINE BL-1A' 
_diffrn_source.voltage                     ? 
_diffrn_source.take-off_angle              ? 
_diffrn_source.pdbx_wavelength_list        1.040 
_diffrn_source.pdbx_wavelength             ? 
_diffrn_source.pdbx_synchrotron_beamline   BL-1A 
_diffrn_source.pdbx_synchrotron_site       'Photon Factory' 
# 
_reflns.B_iso_Wilson_estimate                          ? 
_reflns.entry_id                                       8YG2 
_reflns.data_reduction_details                         ? 
_reflns.data_reduction_method                          ? 
_reflns.d_resolution_high                              1.250 
_reflns.d_resolution_low                               20.470 
_reflns.details                                        ? 
_reflns.limit_h_max                                    ? 
_reflns.limit_h_min                                    ? 
_reflns.limit_k_max                                    ? 
_reflns.limit_k_min                                    ? 
_reflns.limit_l_max                                    ? 
_reflns.limit_l_min                                    ? 
_reflns.number_all                                     ? 
_reflns.number_obs                                     1063 
_reflns.observed_criterion                             ? 
_reflns.observed_criterion_F_max                       ? 
_reflns.observed_criterion_F_min                       ? 
_reflns.observed_criterion_I_max                       ? 
_reflns.observed_criterion_I_min                       ? 
_reflns.observed_criterion_sigma_F                     ? 
_reflns.observed_criterion_sigma_I                     ? 
_reflns.percent_possible_obs                           91.9 
_reflns.R_free_details                                 ? 
_reflns.Rmerge_F_all                                   ? 
_reflns.Rmerge_F_obs                                   ? 
_reflns.Friedel_coverage                               ? 
_reflns.number_gt                                      ? 
_reflns.threshold_expression                           ? 
_reflns.pdbx_redundancy                                2.000 
_reflns.pdbx_netI_over_av_sigmaI                       ? 
_reflns.pdbx_netI_over_sigmaI                          59.1100 
_reflns.pdbx_res_netI_over_av_sigmaI_2                 ? 
_reflns.pdbx_res_netI_over_sigmaI_2                    ? 
_reflns.pdbx_chi_squared                               ? 
_reflns.pdbx_scaling_rejects                           ? 
_reflns.pdbx_d_res_high_opt                            ? 
_reflns.pdbx_d_res_low_opt                             ? 
_reflns.pdbx_d_res_opt_method                          ? 
_reflns.phase_calculation_details                      ? 
_reflns.pdbx_Rrim_I_all                                ? 
_reflns.pdbx_Rpim_I_all                                ? 
_reflns.pdbx_d_opt                                     ? 
_reflns.pdbx_number_measured_all                       ? 
_reflns.pdbx_diffrn_id                                 1 
_reflns.pdbx_ordinal                                   1 
_reflns.pdbx_CC_half                                   ? 
_reflns.pdbx_CC_star                                   ? 
_reflns.pdbx_R_split                                   ? 
_reflns.pdbx_Rmerge_I_obs                              0.08400 
_reflns.pdbx_Rmerge_I_all                              ? 
_reflns.pdbx_Rsym_value                                ? 
_reflns.pdbx_CC_split_method                           ? 
_reflns.pdbx_aniso_diffraction_limit_axis_1_ortho[1]   ? 
_reflns.pdbx_aniso_diffraction_limit_axis_1_ortho[2]   ? 
_reflns.pdbx_aniso_diffraction_limit_axis_1_ortho[3]   ? 
_reflns.pdbx_aniso_diffraction_limit_axis_2_ortho[1]   ? 
_reflns.pdbx_aniso_diffraction_limit_axis_2_ortho[2]   ? 
_reflns.pdbx_aniso_diffraction_limit_axis_2_ortho[3]   ? 
_reflns.pdbx_aniso_diffraction_limit_axis_3_ortho[1]   ? 
_reflns.pdbx_aniso_diffraction_limit_axis_3_ortho[2]   ? 
_reflns.pdbx_aniso_diffraction_limit_axis_3_ortho[3]   ? 
_reflns.pdbx_aniso_diffraction_limit_1                 ? 
_reflns.pdbx_aniso_diffraction_limit_2                 ? 
_reflns.pdbx_aniso_diffraction_limit_3                 ? 
_reflns.pdbx_aniso_B_tensor_eigenvector_1_ortho[1]     ? 
_reflns.pdbx_aniso_B_tensor_eigenvector_1_ortho[2]     ? 
_reflns.pdbx_aniso_B_tensor_eigenvector_1_ortho[3]     ? 
_reflns.pdbx_aniso_B_tensor_eigenvector_2_ortho[1]     ? 
_reflns.pdbx_aniso_B_tensor_eigenvector_2_ortho[2]     ? 
_reflns.pdbx_aniso_B_tensor_eigenvector_2_ortho[3]     ? 
_reflns.pdbx_aniso_B_tensor_eigenvector_3_ortho[1]     ? 
_reflns.pdbx_aniso_B_tensor_eigenvector_3_ortho[2]     ? 
_reflns.pdbx_aniso_B_tensor_eigenvector_3_ortho[3]     ? 
_reflns.pdbx_aniso_B_tensor_eigenvalue_1               ? 
_reflns.pdbx_aniso_B_tensor_eigenvalue_2               ? 
_reflns.pdbx_aniso_B_tensor_eigenvalue_3               ? 
_reflns.pdbx_orthogonalization_convention              ? 
_reflns.pdbx_percent_possible_ellipsoidal              ? 
_reflns.pdbx_percent_possible_spherical                ? 
_reflns.pdbx_percent_possible_ellipsoidal_anomalous    ? 
_reflns.pdbx_percent_possible_spherical_anomalous      ? 
_reflns.pdbx_redundancy_anomalous                      ? 
_reflns.pdbx_CC_half_anomalous                         ? 
_reflns.pdbx_absDiff_over_sigma_anomalous              ? 
_reflns.pdbx_percent_possible_anomalous                ? 
_reflns.pdbx_observed_signal_threshold                 ? 
_reflns.pdbx_signal_type                               ? 
_reflns.pdbx_signal_details                            ? 
_reflns.pdbx_signal_software_id                        ? 
# 
_reflns_shell.d_res_high                                    1.25 
_reflns_shell.d_res_low                                     1.27 
_reflns_shell.meanI_over_sigI_all                           ? 
_reflns_shell.meanI_over_sigI_obs                           ? 
_reflns_shell.number_measured_all                           ? 
_reflns_shell.number_measured_obs                           ? 
_reflns_shell.number_possible                               ? 
_reflns_shell.number_unique_all                             ? 
_reflns_shell.number_unique_obs                             55 
_reflns_shell.percent_possible_obs                          ? 
_reflns_shell.Rmerge_F_all                                  ? 
_reflns_shell.Rmerge_F_obs                                  ? 
_reflns_shell.meanI_over_sigI_gt                            ? 
_reflns_shell.meanI_over_uI_all                             ? 
_reflns_shell.meanI_over_uI_gt                              ? 
_reflns_shell.number_measured_gt                            ? 
_reflns_shell.number_unique_gt                              ? 
_reflns_shell.percent_possible_gt                           ? 
_reflns_shell.Rmerge_F_gt                                   ? 
_reflns_shell.Rmerge_I_gt                                   ? 
_reflns_shell.pdbx_redundancy                               2.00 
_reflns_shell.pdbx_chi_squared                              ? 
_reflns_shell.pdbx_netI_over_sigmaI_all                     ? 
_reflns_shell.pdbx_netI_over_sigmaI_obs                     ? 
_reflns_shell.pdbx_Rrim_I_all                               ? 
_reflns_shell.pdbx_Rpim_I_all                               ? 
_reflns_shell.pdbx_rejects                                  ? 
_reflns_shell.pdbx_ordinal                                  1 
_reflns_shell.pdbx_diffrn_id                                1 
_reflns_shell.pdbx_CC_half                                  ? 
_reflns_shell.pdbx_CC_star                                  ? 
_reflns_shell.pdbx_R_split                                  ? 
_reflns_shell.percent_possible_all                          94.8 
_reflns_shell.Rmerge_I_all                                  ? 
_reflns_shell.Rmerge_I_obs                                  0.15500 
_reflns_shell.pdbx_Rsym_value                               ? 
_reflns_shell.pdbx_percent_possible_ellipsoidal             ? 
_reflns_shell.pdbx_percent_possible_spherical               ? 
_reflns_shell.pdbx_percent_possible_ellipsoidal_anomalous   ? 
_reflns_shell.pdbx_percent_possible_spherical_anomalous     ? 
_reflns_shell.pdbx_redundancy_anomalous                     ? 
_reflns_shell.pdbx_CC_half_anomalous                        ? 
_reflns_shell.pdbx_absDiff_over_sigma_anomalous             ? 
_reflns_shell.pdbx_percent_possible_anomalous               ? 
# 
_refine.aniso_B[1][1]                            -0.11500 
_refine.aniso_B[1][2]                            0.00000 
_refine.aniso_B[1][3]                            0.18900 
_refine.aniso_B[2][2]                            -0.01100 
_refine.aniso_B[2][3]                            0.00000 
_refine.aniso_B[3][3]                            0.13500 
_refine.B_iso_max                                ? 
_refine.B_iso_mean                               5.94 
_refine.B_iso_min                                ? 
_refine.correlation_coeff_Fo_to_Fc               0.963 
_refine.correlation_coeff_Fo_to_Fc_free          0.951 
_refine.details                                  ? 
_refine.diff_density_max                         ? 
_refine.diff_density_max_esd                     ? 
_refine.diff_density_min                         ? 
_refine.diff_density_min_esd                     ? 
_refine.diff_density_rms                         ? 
_refine.diff_density_rms_esd                     ? 
_refine.entry_id                                 8YG2 
_refine.pdbx_refine_id                           'X-RAY DIFFRACTION' 
_refine.ls_abs_structure_details                 ? 
_refine.ls_abs_structure_Flack                   ? 
_refine.ls_abs_structure_Flack_esd               ? 
_refine.ls_abs_structure_Rogers                  ? 
_refine.ls_abs_structure_Rogers_esd              ? 
_refine.ls_d_res_high                            1.25 
_refine.ls_d_res_low                             20.47 
_refine.ls_extinction_coef                       ? 
_refine.ls_extinction_coef_esd                   ? 
_refine.ls_extinction_expression                 ? 
_refine.ls_extinction_method                     ? 
_refine.ls_goodness_of_fit_all                   ? 
_refine.ls_goodness_of_fit_all_esd               ? 
_refine.ls_goodness_of_fit_obs                   ? 
_refine.ls_goodness_of_fit_obs_esd               ? 
_refine.ls_hydrogen_treatment                    ? 
_refine.ls_matrix_type                           ? 
_refine.ls_number_constraints                    ? 
_refine.ls_number_parameters                     ? 
_refine.ls_number_reflns_all                     ? 
_refine.ls_number_reflns_obs                     1054 
_refine.ls_number_reflns_R_free                  63 
_refine.ls_number_reflns_R_work                  ? 
_refine.ls_number_restraints                     ? 
_refine.ls_percent_reflns_obs                    91.1 
_refine.ls_percent_reflns_R_free                 5.977 
_refine.ls_R_factor_all                          ? 
_refine.ls_R_factor_obs                          ? 
_refine.ls_R_factor_R_free                       0.201 
_refine.ls_R_factor_R_free_error                 ? 
_refine.ls_R_factor_R_free_error_details         ? 
_refine.ls_R_factor_R_work                       0.174 
_refine.ls_R_Fsqd_factor_obs                     ? 
_refine.ls_R_I_factor_obs                        ? 
_refine.ls_redundancy_reflns_all                 ? 
_refine.ls_redundancy_reflns_obs                 ? 
_refine.ls_restrained_S_all                      ? 
_refine.ls_restrained_S_obs                      ? 
_refine.ls_shift_over_esd_max                    ? 
_refine.ls_shift_over_esd_mean                   ? 
_refine.ls_structure_factor_coef                 ? 
_refine.ls_weighting_details                     ? 
_refine.ls_weighting_scheme                      ? 
_refine.ls_wR_factor_all                         ? 
_refine.ls_wR_factor_obs                         ? 
_refine.ls_wR_factor_R_free                      ? 
_refine.ls_wR_factor_R_work                      ? 
_refine.occupancy_max                            ? 
_refine.occupancy_min                            ? 
_refine.solvent_model_details                    'MASK BULK SOLVENT' 
_refine.solvent_model_param_bsol                 ? 
_refine.solvent_model_param_ksol                 ? 
_refine.pdbx_R_complete                          ? 
_refine.ls_R_factor_gt                           ? 
_refine.ls_goodness_of_fit_gt                    ? 
_refine.ls_goodness_of_fit_ref                   ? 
_refine.ls_shift_over_su_max                     ? 
_refine.ls_shift_over_su_max_lt                  ? 
_refine.ls_shift_over_su_mean                    ? 
_refine.ls_shift_over_su_mean_lt                 ? 
_refine.pdbx_ls_sigma_I                          ? 
_refine.pdbx_ls_sigma_F                          ? 
_refine.pdbx_ls_sigma_Fsqd                       ? 
_refine.pdbx_data_cutoff_high_absF               ? 
_refine.pdbx_data_cutoff_high_rms_absF           ? 
_refine.pdbx_data_cutoff_low_absF                ? 
_refine.pdbx_isotropic_thermal_model             ? 
_refine.pdbx_ls_cross_valid_method               'FREE R-VALUE' 
_refine.pdbx_method_to_determine_struct          'MOLECULAR REPLACEMENT' 
_refine.pdbx_starting_model                      ? 
_refine.pdbx_stereochemistry_target_values       ? 
_refine.pdbx_R_Free_selection_details            ? 
_refine.pdbx_stereochem_target_val_spec_case     ? 
_refine.pdbx_overall_ESU_R                       0.070 
_refine.pdbx_overall_ESU_R_Free                  0.069 
_refine.pdbx_solvent_vdw_probe_radii             1.20 
_refine.pdbx_solvent_ion_probe_radii             0.80 
_refine.pdbx_solvent_shrinkage_radii             0.80 
_refine.pdbx_real_space_R                        ? 
_refine.pdbx_density_correlation                 ? 
_refine.pdbx_pd_number_of_powder_patterns        ? 
_refine.pdbx_pd_number_of_points                 ? 
_refine.pdbx_pd_meas_number_of_points            ? 
_refine.pdbx_pd_proc_ls_prof_R_factor            ? 
_refine.pdbx_pd_proc_ls_prof_wR_factor           ? 
_refine.pdbx_pd_Marquardt_correlation_coeff      ? 
_refine.pdbx_pd_Fsqrd_R_factor                   ? 
_refine.pdbx_pd_ls_matrix_band_width             ? 
_refine.pdbx_overall_phase_error                 ? 
_refine.pdbx_overall_SU_R_free_Cruickshank_DPI   ? 
_refine.pdbx_overall_SU_R_free_Blow_DPI          ? 
_refine.pdbx_overall_SU_R_Blow_DPI               ? 
_refine.pdbx_TLS_residual_ADP_flag               ? 
_refine.pdbx_diffrn_id                           1 
_refine.overall_SU_B                             0.881 
_refine.overall_SU_ML                            0.035 
_refine.overall_SU_R_Cruickshank_DPI             ? 
_refine.overall_SU_R_free                        ? 
_refine.overall_FOM_free_R_set                   ? 
_refine.overall_FOM_work_R_set                   ? 
_refine.pdbx_average_fsc_overall                 ? 
_refine.pdbx_average_fsc_work                    ? 
_refine.pdbx_average_fsc_free                    ? 
# 
_refine_hist.pdbx_refine_id                   'X-RAY DIFFRACTION' 
_refine_hist.cycle_id                         LAST 
_refine_hist.details                          ? 
_refine_hist.d_res_high                       1.25 
_refine_hist.d_res_low                        20.47 
_refine_hist.number_atoms_solvent             0 
_refine_hist.number_atoms_total               54 
_refine_hist.number_reflns_all                ? 
_refine_hist.number_reflns_obs                ? 
_refine_hist.number_reflns_R_free             ? 
_refine_hist.number_reflns_R_work             ? 
_refine_hist.R_factor_all                     ? 
_refine_hist.R_factor_obs                     ? 
_refine_hist.R_factor_R_free                  ? 
_refine_hist.R_factor_R_work                  ? 
_refine_hist.pdbx_number_residues_total       ? 
_refine_hist.pdbx_B_iso_mean_ligand           ? 
_refine_hist.pdbx_B_iso_mean_solvent          ? 
_refine_hist.pdbx_number_atoms_protein        51 
_refine_hist.pdbx_number_atoms_nucleic_acid   0 
_refine_hist.pdbx_number_atoms_ligand         3 
_refine_hist.pdbx_number_atoms_lipid          ? 
_refine_hist.pdbx_number_atoms_carb           ? 
_refine_hist.pdbx_pseudo_atom_details         ? 
# 
loop_
_refine_ls_restr.pdbx_refine_id 
_refine_ls_restr.criterion 
_refine_ls_restr.dev_ideal 
_refine_ls_restr.dev_ideal_target 
_refine_ls_restr.number 
_refine_ls_restr.rejects 
_refine_ls_restr.type 
_refine_ls_restr.weight 
_refine_ls_restr.pdbx_restraint_function 
'X-RAY DIFFRACTION' ? 0.009  0.014  67  ? r_bond_refined_d             ? ? 
'X-RAY DIFFRACTION' ? 0.003  0.018  75  ? r_bond_other_d               ? ? 
'X-RAY DIFFRACTION' ? 1.733  1.920  82  ? r_angle_refined_deg          ? ? 
'X-RAY DIFFRACTION' ? 1.045  2.001  157 ? r_angle_other_deg            ? ? 
'X-RAY DIFFRACTION' ? 3.777  5.000  6   ? r_dihedral_angle_1_deg       ? ? 
'X-RAY DIFFRACTION' ? 44.446 26.667 3   ? r_dihedral_angle_2_deg       ? ? 
'X-RAY DIFFRACTION' ? 14.912 15.000 5   ? r_dihedral_angle_3_deg       ? ? 
'X-RAY DIFFRACTION' ? ?      ?      ?   ? r_dihedral_angle_4_deg       ? ? 
'X-RAY DIFFRACTION' ? 0.043  0.200  6   ? r_chiral_restr               ? ? 
'X-RAY DIFFRACTION' ? 0.005  0.020  81  ? r_gen_planes_refined         ? ? 
'X-RAY DIFFRACTION' ? 0.002  0.020  30  ? r_gen_planes_other           ? ? 
'X-RAY DIFFRACTION' ? 0.014  0.200  3   ? r_nbd_refined                ? ? 
'X-RAY DIFFRACTION' ? 0.203  0.200  37  ? r_nbd_other                  ? ? 
'X-RAY DIFFRACTION' ? 0.187  0.200  22  ? r_nbtor_refined              ? ? 
'X-RAY DIFFRACTION' ? ?      ?      ?   ? r_nbtor_other                ? ? 
'X-RAY DIFFRACTION' ? 0.030  0.200  1   ? r_xyhbond_nbd_refined        ? ? 
'X-RAY DIFFRACTION' ? ?      ?      ?   ? r_xyhbond_nbd_other          ? ? 
'X-RAY DIFFRACTION' ? ?      ?      ?   ? r_metal_ion_refined          ? ? 
'X-RAY DIFFRACTION' ? ?      ?      ?   ? r_metal_ion_other            ? ? 
'X-RAY DIFFRACTION' ? ?      ?      ?   ? r_symmetry_vdw_refined       ? ? 
'X-RAY DIFFRACTION' ? ?      ?      ?   ? r_symmetry_vdw_other         ? ? 
'X-RAY DIFFRACTION' ? ?      ?      ?   ? r_symmetry_hbond_refined     ? ? 
'X-RAY DIFFRACTION' ? ?      ?      ?   ? r_symmetry_hbond_other       ? ? 
'X-RAY DIFFRACTION' ? ?      ?      ?   ? r_symmetry_metal_ion_refined ? ? 
'X-RAY DIFFRACTION' ? ?      ?      ?   ? r_symmetry_metal_ion_other   ? ? 
'X-RAY DIFFRACTION' ? 0.230  0.543  23  ? r_mcbond_it                  ? ? 
'X-RAY DIFFRACTION' ? 0.231  0.650  24  ? r_mcbond_other               ? ? 
'X-RAY DIFFRACTION' ? 0.376  0.817  26  ? r_mcangle_it                 ? ? 
'X-RAY DIFFRACTION' ? 0.380  0.825  27  ? r_mcangle_other              ? ? 
'X-RAY DIFFRACTION' ? 0.206  0.674  44  ? r_scbond_it                  ? ? 
'X-RAY DIFFRACTION' ? 0.205  0.563  43  ? r_scbond_other               ? ? 
'X-RAY DIFFRACTION' ? 0.220  0.885  52  ? r_scangle_it                 ? ? 
'X-RAY DIFFRACTION' ? 0.219  0.956  53  ? r_scangle_other              ? ? 
'X-RAY DIFFRACTION' ? ?      ?      ?   ? r_long_range_B_refined       ? ? 
'X-RAY DIFFRACTION' ? ?      ?      ?   ? r_long_range_B_other         ? ? 
'X-RAY DIFFRACTION' ? ?      ?      ?   ? r_rigid_bond_restr           ? ? 
'X-RAY DIFFRACTION' ? ?      ?      ?   ? r_sphericity_free            ? ? 
'X-RAY DIFFRACTION' ? ?      ?      ?   ? r_sphericity_bonded          ? ? 
# 
_refine_ls_shell.pdbx_refine_id                   'X-RAY DIFFRACTION' 
_refine_ls_shell.d_res_high                       1.25 
_refine_ls_shell.d_res_low                        1.28 
_refine_ls_shell.number_reflns_all                ? 
_refine_ls_shell.number_reflns_obs                ? 
_refine_ls_shell.number_reflns_R_free             1 
_refine_ls_shell.number_reflns_R_work             74 
_refine_ls_shell.percent_reflns_obs               94.94 
_refine_ls_shell.percent_reflns_R_free            ? 
_refine_ls_shell.R_factor_all                     ? 
_refine_ls_shell.R_factor_obs                     ? 
_refine_ls_shell.R_factor_R_free_error            ? 
_refine_ls_shell.R_factor_R_work                  0.2430 
_refine_ls_shell.redundancy_reflns_all            ? 
_refine_ls_shell.redundancy_reflns_obs            ? 
_refine_ls_shell.wR_factor_all                    ? 
_refine_ls_shell.wR_factor_obs                    ? 
_refine_ls_shell.wR_factor_R_free                 ? 
_refine_ls_shell.wR_factor_R_work                 ? 
_refine_ls_shell.pdbx_R_complete                  ? 
_refine_ls_shell.pdbx_total_number_of_bins_used   20 
_refine_ls_shell.pdbx_phase_error                 ? 
_refine_ls_shell.pdbx_fsc_work                    ? 
_refine_ls_shell.pdbx_fsc_free                    ? 
_refine_ls_shell.R_factor_R_free                  0.2630 
# 
_struct.entry_id                     8YG2 
_struct.title                        'Crystal structure of amyloidogenic peptide Piv-NFGAIL-NH2 from Islet Amyloid Polypeptide' 
_struct.pdbx_model_details           ? 
_struct.pdbx_formula_weight          ? 
_struct.pdbx_formula_weight_method   ? 
_struct.pdbx_model_type_details      ? 
_struct.pdbx_CASP_flag               N 
# 
_struct_keywords.entry_id        8YG2 
_struct_keywords.text            'Amyloid, CASL, Protein fibril' 
_struct_keywords.pdbx_keywords   'PROTEIN FIBRIL' 
# 
loop_
_struct_asym.id 
_struct_asym.pdbx_blank_PDB_chainid_flag 
_struct_asym.pdbx_modified 
_struct_asym.entity_id 
_struct_asym.details 
A N N 1 ? 
B N N 2 ? 
# 
_struct_ref.id                         1 
_struct_ref.db_name                    PDB 
_struct_ref.db_code                    8YG2 
_struct_ref.pdbx_db_accession          8YG2 
_struct_ref.pdbx_db_isoform            ? 
_struct_ref.entity_id                  1 
_struct_ref.pdbx_seq_one_letter_code   ? 
_struct_ref.pdbx_align_begin           1 
# 
_struct_ref_seq.align_id                      1 
_struct_ref_seq.ref_id                        1 
_struct_ref_seq.pdbx_PDB_id_code              8YG2 
_struct_ref_seq.pdbx_strand_id                A 
_struct_ref_seq.seq_align_beg                 1 
_struct_ref_seq.pdbx_seq_align_beg_ins_code   ? 
_struct_ref_seq.seq_align_end                 8 
_struct_ref_seq.pdbx_seq_align_end_ins_code   ? 
_struct_ref_seq.pdbx_db_accession             8YG2 
_struct_ref_seq.db_align_beg                  0 
_struct_ref_seq.pdbx_db_align_beg_ins_code    ? 
_struct_ref_seq.db_align_end                  7 
_struct_ref_seq.pdbx_db_align_end_ins_code    ? 
_struct_ref_seq.pdbx_auth_seq_align_beg       0 
_struct_ref_seq.pdbx_auth_seq_align_end       7 
# 
_pdbx_struct_assembly.id                   1 
_pdbx_struct_assembly.details              author_and_software_defined_assembly 
_pdbx_struct_assembly.method_details       PISA 
_pdbx_struct_assembly.oligomeric_details   monomeric 
_pdbx_struct_assembly.oligomeric_count     1 
# 
loop_
_pdbx_struct_assembly_prop.biol_id 
_pdbx_struct_assembly_prop.type 
_pdbx_struct_assembly_prop.value 
_pdbx_struct_assembly_prop.details 
1 'ABSA (A^2)' 180  ? 
1 MORE         0    ? 
1 'SSA (A^2)'  1180 ? 
# 
_pdbx_struct_assembly_gen.assembly_id       1 
_pdbx_struct_assembly_gen.oper_expression   1 
_pdbx_struct_assembly_gen.asym_id_list      A,B 
# 
_pdbx_struct_assembly_auth_evidence.id                     1 
_pdbx_struct_assembly_auth_evidence.assembly_id            1 
_pdbx_struct_assembly_auth_evidence.experimental_support   none 
_pdbx_struct_assembly_auth_evidence.details                ? 
# 
_pdbx_struct_oper_list.id                   1 
_pdbx_struct_oper_list.type                 'identity operation' 
_pdbx_struct_oper_list.name                 1_555 
_pdbx_struct_oper_list.symmetry_operation   x,y,z 
_pdbx_struct_oper_list.matrix[1][1]         1.0000000000 
_pdbx_struct_oper_list.matrix[1][2]         0.0000000000 
_pdbx_struct_oper_list.matrix[1][3]         0.0000000000 
_pdbx_struct_oper_list.vector[1]            0.0000000000 
_pdbx_struct_oper_list.matrix[2][1]         0.0000000000 
_pdbx_struct_oper_list.matrix[2][2]         1.0000000000 
_pdbx_struct_oper_list.matrix[2][3]         0.0000000000 
_pdbx_struct_oper_list.vector[2]            0.0000000000 
_pdbx_struct_oper_list.matrix[3][1]         0.0000000000 
_pdbx_struct_oper_list.matrix[3][2]         0.0000000000 
_pdbx_struct_oper_list.matrix[3][3]         1.0000000000 
_pdbx_struct_oper_list.vector[3]            0.0000000000 
# 
loop_
_struct_conn.id 
_struct_conn.conn_type_id 
_struct_conn.pdbx_leaving_atom_flag 
_struct_conn.pdbx_PDB_id 
_struct_conn.ptnr1_label_asym_id 
_struct_conn.ptnr1_label_comp_id 
_struct_conn.ptnr1_label_seq_id 
_struct_conn.ptnr1_label_atom_id 
_struct_conn.pdbx_ptnr1_label_alt_id 
_struct_conn.pdbx_ptnr1_PDB_ins_code 
_struct_conn.pdbx_ptnr1_standard_comp_id 
_struct_conn.ptnr1_symmetry 
_struct_conn.ptnr2_label_asym_id 
_struct_conn.ptnr2_label_comp_id 
_struct_conn.ptnr2_label_seq_id 
_struct_conn.ptnr2_label_atom_id 
_struct_conn.pdbx_ptnr2_label_alt_id 
_struct_conn.pdbx_ptnr2_PDB_ins_code 
_struct_conn.ptnr1_auth_asym_id 
_struct_conn.ptnr1_auth_comp_id 
_struct_conn.ptnr1_auth_seq_id 
_struct_conn.ptnr2_auth_asym_id 
_struct_conn.ptnr2_auth_comp_id 
_struct_conn.ptnr2_auth_seq_id 
_struct_conn.ptnr2_symmetry 
_struct_conn.pdbx_ptnr3_label_atom_id 
_struct_conn.pdbx_ptnr3_label_seq_id 
_struct_conn.pdbx_ptnr3_label_comp_id 
_struct_conn.pdbx_ptnr3_label_asym_id 
_struct_conn.pdbx_ptnr3_label_alt_id 
_struct_conn.pdbx_ptnr3_PDB_ins_code 
_struct_conn.details 
_struct_conn.pdbx_dist_value 
_struct_conn.pdbx_value_order 
_struct_conn.pdbx_role 
covale1 covale both ? A PIV 1 C A ? ? 1_555 A ASN 2 N A ? A PIV 0 A ASN 1 1_555 ? ? ? ? ? ? ? 1.348 ? ? 
covale2 covale both ? A PIV 1 C B ? ? 1_555 A ASN 2 N B ? A PIV 0 A ASN 1 1_555 ? ? ? ? ? ? ? 1.341 ? ? 
covale3 covale both ? A LEU 7 C ? ? ? 1_555 A NH2 8 N ? ? A LEU 6 A NH2 7 1_555 ? ? ? ? ? ? ? 1.331 ? ? 
# 
_struct_conn_type.id          covale 
_struct_conn_type.criteria    ? 
_struct_conn_type.reference   ? 
# 
loop_
_pdbx_modification_feature.ordinal 
_pdbx_modification_feature.label_comp_id 
_pdbx_modification_feature.label_asym_id 
_pdbx_modification_feature.label_seq_id 
_pdbx_modification_feature.label_alt_id 
_pdbx_modification_feature.modified_residue_label_comp_id 
_pdbx_modification_feature.modified_residue_label_asym_id 
_pdbx_modification_feature.modified_residue_label_seq_id 
_pdbx_modification_feature.modified_residue_label_alt_id 
_pdbx_modification_feature.auth_comp_id 
_pdbx_modification_feature.auth_asym_id 
_pdbx_modification_feature.auth_seq_id 
_pdbx_modification_feature.PDB_ins_code 
_pdbx_modification_feature.symmetry 
_pdbx_modification_feature.modified_residue_auth_comp_id 
_pdbx_modification_feature.modified_residue_auth_asym_id 
_pdbx_modification_feature.modified_residue_auth_seq_id 
_pdbx_modification_feature.modified_residue_PDB_ins_code 
_pdbx_modification_feature.modified_residue_symmetry 
_pdbx_modification_feature.comp_id_linking_atom 
_pdbx_modification_feature.modified_residue_id_linking_atom 
_pdbx_modification_feature.modified_residue_id 
_pdbx_modification_feature.ref_pcm_id 
_pdbx_modification_feature.ref_comp_id 
_pdbx_modification_feature.type 
_pdbx_modification_feature.category 
1 PIV A 1 A .   . . . PIV A 0 ? 1_555 .   . . . .     . . ?   1  PIV None 'Non-standard residue' 
2 PIV A 1 B .   . . . PIV A 0 ? 1_555 .   . . . .     . . ?   1  PIV None 'Non-standard residue' 
3 NH2 A 8 ? LEU A 7 ? NH2 A 7 ? 1_555 LEU A 6 ? 1_555 . . LEU 14 NH2 None 'Terminal amidation'   
# 
_pdbx_entry_details.entry_id                   8YG2 
_pdbx_entry_details.nonpolymer_details         ? 
_pdbx_entry_details.sequence_details           ? 
_pdbx_entry_details.compound_details           ? 
_pdbx_entry_details.source_details             ? 
_pdbx_entry_details.has_ligand_of_interest     N 
_pdbx_entry_details.has_protein_modification   Y 
# 
loop_
_pdbx_validate_rmsd_bond.id 
_pdbx_validate_rmsd_bond.PDB_model_num 
_pdbx_validate_rmsd_bond.auth_atom_id_1 
_pdbx_validate_rmsd_bond.auth_asym_id_1 
_pdbx_validate_rmsd_bond.auth_comp_id_1 
_pdbx_validate_rmsd_bond.auth_seq_id_1 
_pdbx_validate_rmsd_bond.PDB_ins_code_1 
_pdbx_validate_rmsd_bond.label_alt_id_1 
_pdbx_validate_rmsd_bond.auth_atom_id_2 
_pdbx_validate_rmsd_bond.auth_asym_id_2 
_pdbx_validate_rmsd_bond.auth_comp_id_2 
_pdbx_validate_rmsd_bond.auth_seq_id_2 
_pdbx_validate_rmsd_bond.PDB_ins_code_2 
_pdbx_validate_rmsd_bond.label_alt_id_2 
_pdbx_validate_rmsd_bond.bond_value 
_pdbx_validate_rmsd_bond.bond_target_value 
_pdbx_validate_rmsd_bond.bond_deviation 
_pdbx_validate_rmsd_bond.bond_standard_deviation 
_pdbx_validate_rmsd_bond.linker_flag 
1 1 N A ASN 1 ? A CA A ASN 1 ? A 1.309 1.459 -0.150 0.020 N 
2 1 N A ASN 1 ? B CA A ASN 1 ? B 1.279 1.459 -0.180 0.020 N 
# 
_pdbx_validate_rmsd_angle.id                         1 
_pdbx_validate_rmsd_angle.PDB_model_num              1 
_pdbx_validate_rmsd_angle.auth_atom_id_1             N 
_pdbx_validate_rmsd_angle.auth_asym_id_1             A 
_pdbx_validate_rmsd_angle.auth_comp_id_1             ASN 
_pdbx_validate_rmsd_angle.auth_seq_id_1              1 
_pdbx_validate_rmsd_angle.PDB_ins_code_1             ? 
_pdbx_validate_rmsd_angle.label_alt_id_1             B 
_pdbx_validate_rmsd_angle.auth_atom_id_2             CA 
_pdbx_validate_rmsd_angle.auth_asym_id_2             A 
_pdbx_validate_rmsd_angle.auth_comp_id_2             ASN 
_pdbx_validate_rmsd_angle.auth_seq_id_2              1 
_pdbx_validate_rmsd_angle.PDB_ins_code_2             ? 
_pdbx_validate_rmsd_angle.label_alt_id_2             B 
_pdbx_validate_rmsd_angle.auth_atom_id_3             CB 
_pdbx_validate_rmsd_angle.auth_asym_id_3             A 
_pdbx_validate_rmsd_angle.auth_comp_id_3             ASN 
_pdbx_validate_rmsd_angle.auth_seq_id_3              1 
_pdbx_validate_rmsd_angle.PDB_ins_code_3             ? 
_pdbx_validate_rmsd_angle.label_alt_id_3             B 
_pdbx_validate_rmsd_angle.angle_value                122.62 
_pdbx_validate_rmsd_angle.angle_target_value         110.60 
_pdbx_validate_rmsd_angle.angle_deviation            12.02 
_pdbx_validate_rmsd_angle.angle_standard_deviation   1.80 
_pdbx_validate_rmsd_angle.linker_flag                N 
# 
loop_
_chem_comp_atom.comp_id 
_chem_comp_atom.atom_id 
_chem_comp_atom.type_symbol 
_chem_comp_atom.pdbx_aromatic_flag 
_chem_comp_atom.pdbx_stereo_config 
_chem_comp_atom.pdbx_ordinal 
ALA N    N N N 1   
ALA CA   C N S 2   
ALA C    C N N 3   
ALA O    O N N 4   
ALA CB   C N N 5   
ALA OXT  O N N 6   
ALA H    H N N 7   
ALA H2   H N N 8   
ALA HA   H N N 9   
ALA HB1  H N N 10  
ALA HB2  H N N 11  
ALA HB3  H N N 12  
ALA HXT  H N N 13  
ASN N    N N N 14  
ASN CA   C N S 15  
ASN C    C N N 16  
ASN O    O N N 17  
ASN CB   C N N 18  
ASN CG   C N N 19  
ASN OD1  O N N 20  
ASN ND2  N N N 21  
ASN OXT  O N N 22  
ASN H    H N N 23  
ASN H2   H N N 24  
ASN HA   H N N 25  
ASN HB2  H N N 26  
ASN HB3  H N N 27  
ASN HD21 H N N 28  
ASN HD22 H N N 29  
ASN HXT  H N N 30  
FMT C    C N N 31  
FMT O1   O N N 32  
FMT O2   O N N 33  
FMT H    H N N 34  
FMT HO2  H N N 35  
GLY N    N N N 36  
GLY CA   C N N 37  
GLY C    C N N 38  
GLY O    O N N 39  
GLY OXT  O N N 40  
GLY H    H N N 41  
GLY H2   H N N 42  
GLY HA2  H N N 43  
GLY HA3  H N N 44  
GLY HXT  H N N 45  
ILE N    N N N 46  
ILE CA   C N S 47  
ILE C    C N N 48  
ILE O    O N N 49  
ILE CB   C N S 50  
ILE CG1  C N N 51  
ILE CG2  C N N 52  
ILE CD1  C N N 53  
ILE OXT  O N N 54  
ILE H    H N N 55  
ILE H2   H N N 56  
ILE HA   H N N 57  
ILE HB   H N N 58  
ILE HG12 H N N 59  
ILE HG13 H N N 60  
ILE HG21 H N N 61  
ILE HG22 H N N 62  
ILE HG23 H N N 63  
ILE HD11 H N N 64  
ILE HD12 H N N 65  
ILE HD13 H N N 66  
ILE HXT  H N N 67  
LEU N    N N N 68  
LEU CA   C N S 69  
LEU C    C N N 70  
LEU O    O N N 71  
LEU CB   C N N 72  
LEU CG   C N N 73  
LEU CD1  C N N 74  
LEU CD2  C N N 75  
LEU OXT  O N N 76  
LEU H    H N N 77  
LEU H2   H N N 78  
LEU HA   H N N 79  
LEU HB2  H N N 80  
LEU HB3  H N N 81  
LEU HG   H N N 82  
LEU HD11 H N N 83  
LEU HD12 H N N 84  
LEU HD13 H N N 85  
LEU HD21 H N N 86  
LEU HD22 H N N 87  
LEU HD23 H N N 88  
LEU HXT  H N N 89  
NH2 N    N N N 90  
NH2 HN1  H N N 91  
NH2 HN2  H N N 92  
PHE N    N N N 93  
PHE CA   C N S 94  
PHE C    C N N 95  
PHE O    O N N 96  
PHE CB   C N N 97  
PHE CG   C Y N 98  
PHE CD1  C Y N 99  
PHE CD2  C Y N 100 
PHE CE1  C Y N 101 
PHE CE2  C Y N 102 
PHE CZ   C Y N 103 
PHE OXT  O N N 104 
PHE H    H N N 105 
PHE H2   H N N 106 
PHE HA   H N N 107 
PHE HB2  H N N 108 
PHE HB3  H N N 109 
PHE HD1  H N N 110 
PHE HD2  H N N 111 
PHE HE1  H N N 112 
PHE HE2  H N N 113 
PHE HZ   H N N 114 
PHE HXT  H N N 115 
PIV CT   C N N 116 
PIV C1   C N N 117 
PIV C2   C N N 118 
PIV C3   C N N 119 
PIV C    C N N 120 
PIV O1   O N N 121 
PIV O2   O N N 122 
PIV H11  H N N 123 
PIV H12  H N N 124 
PIV H13  H N N 125 
PIV H21  H N N 126 
PIV H22  H N N 127 
PIV H23  H N N 128 
PIV H31  H N N 129 
PIV H32  H N N 130 
PIV H33  H N N 131 
PIV HO2  H N N 132 
# 
loop_
_chem_comp_bond.comp_id 
_chem_comp_bond.atom_id_1 
_chem_comp_bond.atom_id_2 
_chem_comp_bond.value_order 
_chem_comp_bond.pdbx_aromatic_flag 
_chem_comp_bond.pdbx_stereo_config 
_chem_comp_bond.pdbx_ordinal 
ALA N   CA   sing N N 1   
ALA N   H    sing N N 2   
ALA N   H2   sing N N 3   
ALA CA  C    sing N N 4   
ALA CA  CB   sing N N 5   
ALA CA  HA   sing N N 6   
ALA C   O    doub N N 7   
ALA C   OXT  sing N N 8   
ALA CB  HB1  sing N N 9   
ALA CB  HB2  sing N N 10  
ALA CB  HB3  sing N N 11  
ALA OXT HXT  sing N N 12  
ASN N   CA   sing N N 13  
ASN N   H    sing N N 14  
ASN N   H2   sing N N 15  
ASN CA  C    sing N N 16  
ASN CA  CB   sing N N 17  
ASN CA  HA   sing N N 18  
ASN C   O    doub N N 19  
ASN C   OXT  sing N N 20  
ASN CB  CG   sing N N 21  
ASN CB  HB2  sing N N 22  
ASN CB  HB3  sing N N 23  
ASN CG  OD1  doub N N 24  
ASN CG  ND2  sing N N 25  
ASN ND2 HD21 sing N N 26  
ASN ND2 HD22 sing N N 27  
ASN OXT HXT  sing N N 28  
FMT C   O1   doub N N 29  
FMT C   O2   sing N N 30  
FMT C   H    sing N N 31  
FMT O2  HO2  sing N N 32  
GLY N   CA   sing N N 33  
GLY N   H    sing N N 34  
GLY N   H2   sing N N 35  
GLY CA  C    sing N N 36  
GLY CA  HA2  sing N N 37  
GLY CA  HA3  sing N N 38  
GLY C   O    doub N N 39  
GLY C   OXT  sing N N 40  
GLY OXT HXT  sing N N 41  
ILE N   CA   sing N N 42  
ILE N   H    sing N N 43  
ILE N   H2   sing N N 44  
ILE CA  C    sing N N 45  
ILE CA  CB   sing N N 46  
ILE CA  HA   sing N N 47  
ILE C   O    doub N N 48  
ILE C   OXT  sing N N 49  
ILE CB  CG1  sing N N 50  
ILE CB  CG2  sing N N 51  
ILE CB  HB   sing N N 52  
ILE CG1 CD1  sing N N 53  
ILE CG1 HG12 sing N N 54  
ILE CG1 HG13 sing N N 55  
ILE CG2 HG21 sing N N 56  
ILE CG2 HG22 sing N N 57  
ILE CG2 HG23 sing N N 58  
ILE CD1 HD11 sing N N 59  
ILE CD1 HD12 sing N N 60  
ILE CD1 HD13 sing N N 61  
ILE OXT HXT  sing N N 62  
LEU N   CA   sing N N 63  
LEU N   H    sing N N 64  
LEU N   H2   sing N N 65  
LEU CA  C    sing N N 66  
LEU CA  CB   sing N N 67  
LEU CA  HA   sing N N 68  
LEU C   O    doub N N 69  
LEU C   OXT  sing N N 70  
LEU CB  CG   sing N N 71  
LEU CB  HB2  sing N N 72  
LEU CB  HB3  sing N N 73  
LEU CG  CD1  sing N N 74  
LEU CG  CD2  sing N N 75  
LEU CG  HG   sing N N 76  
LEU CD1 HD11 sing N N 77  
LEU CD1 HD12 sing N N 78  
LEU CD1 HD13 sing N N 79  
LEU CD2 HD21 sing N N 80  
LEU CD2 HD22 sing N N 81  
LEU CD2 HD23 sing N N 82  
LEU OXT HXT  sing N N 83  
NH2 N   HN1  sing N N 84  
NH2 N   HN2  sing N N 85  
PHE N   CA   sing N N 86  
PHE N   H    sing N N 87  
PHE N   H2   sing N N 88  
PHE CA  C    sing N N 89  
PHE CA  CB   sing N N 90  
PHE CA  HA   sing N N 91  
PHE C   O    doub N N 92  
PHE C   OXT  sing N N 93  
PHE CB  CG   sing N N 94  
PHE CB  HB2  sing N N 95  
PHE CB  HB3  sing N N 96  
PHE CG  CD1  doub Y N 97  
PHE CG  CD2  sing Y N 98  
PHE CD1 CE1  sing Y N 99  
PHE CD1 HD1  sing N N 100 
PHE CD2 CE2  doub Y N 101 
PHE CD2 HD2  sing N N 102 
PHE CE1 CZ   doub Y N 103 
PHE CE1 HE1  sing N N 104 
PHE CE2 CZ   sing Y N 105 
PHE CE2 HE2  sing N N 106 
PHE CZ  HZ   sing N N 107 
PHE OXT HXT  sing N N 108 
PIV CT  C1   sing N N 109 
PIV CT  C2   sing N N 110 
PIV CT  C3   sing N N 111 
PIV CT  C    sing N N 112 
PIV C1  H11  sing N N 113 
PIV C1  H12  sing N N 114 
PIV C1  H13  sing N N 115 
PIV C2  H21  sing N N 116 
PIV C2  H22  sing N N 117 
PIV C2  H23  sing N N 118 
PIV C3  H31  sing N N 119 
PIV C3  H32  sing N N 120 
PIV C3  H33  sing N N 121 
PIV C   O1   doub N N 122 
PIV C   O2   sing N N 123 
PIV O2  HO2  sing N N 124 
# 
_pdbx_audit_support.funding_organization   'Japan Society for the Promotion of Science (JSPS)' 
_pdbx_audit_support.country                Japan 
_pdbx_audit_support.grant_number           ? 
_pdbx_audit_support.ordinal                1 
# 
_pdbx_initial_refinement_model.id               1 
_pdbx_initial_refinement_model.entity_id_list   ? 
_pdbx_initial_refinement_model.type             'experimental model' 
_pdbx_initial_refinement_model.source_name      PDB 
_pdbx_initial_refinement_model.accession_code   3DGJ 
_pdbx_initial_refinement_model.details          ? 
# 
_atom_sites.entry_id                    8YG2 
_atom_sites.Cartn_transf_matrix[1][1]   ? 
_atom_sites.Cartn_transf_matrix[1][2]   ? 
_atom_sites.Cartn_transf_matrix[1][3]   ? 
_atom_sites.Cartn_transf_matrix[2][1]   ? 
_atom_sites.Cartn_transf_matrix[2][2]   ? 
_atom_sites.Cartn_transf_matrix[2][3]   ? 
_atom_sites.Cartn_transf_matrix[3][1]   ? 
_atom_sites.Cartn_transf_matrix[3][2]   ? 
_atom_sites.Cartn_transf_matrix[3][3]   ? 
_atom_sites.Cartn_transf_vector[1]      ? 
_atom_sites.Cartn_transf_vector[2]      ? 
_atom_sites.Cartn_transf_vector[3]      ? 
_atom_sites.Cartn_transform_axes        ? 
_atom_sites.fract_transf_matrix[1][1]   -0.11012323 
_atom_sites.fract_transf_matrix[1][2]   0.08081099 
_atom_sites.fract_transf_matrix[1][3]   0.15373942 
_atom_sites.fract_transf_matrix[2][1]   -0.03855784 
_atom_sites.fract_transf_matrix[2][2]   0.00403622 
_atom_sites.fract_transf_matrix[2][3]   -0.02974049 
_atom_sites.fract_transf_matrix[3][1]   -0.01380130 
_atom_sites.fract_transf_matrix[3][2]   -0.04437517 
_atom_sites.fract_transf_matrix[3][3]   0.01187070 
_atom_sites.fract_transf_vector[1]      -0.086154 
_atom_sites.fract_transf_vector[2]      -0.193647 
_atom_sites.fract_transf_vector[3]      0.260109 
_atom_sites.solution_primary            ? 
_atom_sites.solution_secondary          ? 
_atom_sites.solution_hydrogens          ? 
_atom_sites.special_details             ? 
# 
loop_
_atom_type.symbol 
_atom_type.pdbx_scat_Z 
_atom_type.pdbx_N_electrons 
_atom_type.scat_Cromer_Mann_a1 
_atom_type.scat_Cromer_Mann_b1 
_atom_type.scat_Cromer_Mann_a2 
_atom_type.scat_Cromer_Mann_b2 
_atom_type.scat_Cromer_Mann_a3 
_atom_type.scat_Cromer_Mann_b3 
_atom_type.scat_Cromer_Mann_a4 
_atom_type.scat_Cromer_Mann_b4 
C 6 6 2.310  20.844 1.020 10.208 1.589 0.569  0.865 51.651 
H 1 1 0.493  10.511 0.323 26.126 0.140 3.142  0.041 57.800 
N 7 7 12.222 0.006  3.135 9.893  2.014 28.997 1.167 0.583  
O 8 8 3.049  13.277 2.287 5.701  1.546 0.324  0.867 32.909 
# 
loop_
_atom_site.group_PDB 
_atom_site.id 
_atom_site.type_symbol 
_atom_site.label_atom_id 
_atom_site.label_alt_id 
_atom_site.label_comp_id 
_atom_site.label_asym_id 
_atom_site.label_entity_id 
_atom_site.label_seq_id 
_atom_site.pdbx_PDB_ins_code 
_atom_site.Cartn_x 
_atom_site.Cartn_y 
_atom_site.Cartn_z 
_atom_site.occupancy 
_atom_site.B_iso_or_equiv 
_atom_site.pdbx_formal_charge 
_atom_site.auth_seq_id 
_atom_site.auth_comp_id 
_atom_site.auth_asym_id 
_atom_site.auth_atom_id 
_atom_site.pdbx_PDB_model_num 
_atom_site.calc_flag 
HETATM 1  C CT  A PIV A 1 1 ? 7.278  -0.224 3.319  0.70 6.02  0 0   PIV A CT  1 ? 
HETATM 2  C CT  B PIV A 1 1 ? 7.186  -1.231 3.773  0.30 4.43  0 0   PIV A CT  1 ? 
HETATM 3  C C1  A PIV A 1 1 ? 7.643  0.579  4.550  0.70 6.03  0 0   PIV A C1  1 ? 
HETATM 4  C C1  B PIV A 1 1 ? 7.838  0.039  3.223  0.30 4.42  0 0   PIV A C1  1 ? 
HETATM 5  C C2  A PIV A 1 1 ? 7.753  -1.646 3.569  0.70 6.02  0 0   PIV A C2  1 ? 
HETATM 6  C C2  B PIV A 1 1 ? 7.404  -1.276 5.286  0.30 4.39  0 0   PIV A C2  1 ? 
HETATM 7  C C3  A PIV A 1 1 ? 8.013  0.461  2.169  0.70 6.00  0 0   PIV A C3  1 ? 
HETATM 8  C C3  B PIV A 1 1 ? 7.790  -2.461 3.098  0.30 4.44  0 0   PIV A C3  1 ? 
HETATM 9  C C   A PIV A 1 1 ? 5.772  -0.290 3.054  0.70 5.94  0 0   PIV A C   1 ? 
HETATM 10 C C   B PIV A 1 1 ? 5.702  -1.197 3.479  0.30 4.49  0 0   PIV A C   1 ? 
HETATM 11 O O1  A PIV A 1 1 ? 4.982  0.387  3.696  0.70 6.05  0 0   PIV A O1  1 ? 
HETATM 12 O O1  B PIV A 1 1 ? 4.913  -1.024 4.401  0.30 4.46  0 0   PIV A O1  1 ? 
ATOM   13 N N   A ASN A 1 2 ? 5.264  -1.108 2.111  0.70 5.62  0 1   ASN A N   1 ? 
ATOM   14 N N   B ASN A 1 2 ? 5.269  -1.355 2.220  0.30 4.62  0 1   ASN A N   1 ? 
ATOM   15 C CA  A ASN A 1 2 ? 4.002  -1.165 1.769  0.70 4.82  0 1   ASN A CA  1 ? 
ATOM   16 C CA  B ASN A 1 2 ? 4.116  -1.255 1.674  0.30 4.98  0 1   ASN A CA  1 ? 
ATOM   17 C C   A ASN A 1 2 ? 3.471  -2.585 1.538  0.70 4.89  0 1   ASN A C   1 ? 
ATOM   18 C C   B ASN A 1 2 ? 3.527  -2.666 1.566  0.30 5.02  0 1   ASN A C   1 ? 
ATOM   19 O O   A ASN A 1 2 ? 4.009  -3.290 0.675  0.70 5.00  0 1   ASN A O   1 ? 
ATOM   20 O O   B ASN A 1 2 ? 4.106  -3.476 0.820  0.30 5.06  0 1   ASN A O   1 ? 
ATOM   21 C CB  A ASN A 1 2 ? 3.633  -0.332 0.535  0.70 4.53  0 1   ASN A CB  1 ? 
ATOM   22 C CB  B ASN A 1 2 ? 3.885  -0.490 0.364  0.30 5.09  0 1   ASN A CB  1 ? 
ATOM   23 C CG  A ASN A 1 2 ? 2.160  -0.411 0.198  0.70 4.30  0 1   ASN A CG  1 ? 
ATOM   24 C CG  B ASN A 1 2 ? 4.393  -1.219 -0.866 0.30 5.14  0 1   ASN A CG  1 ? 
ATOM   25 O OD1 A ASN A 1 2 ? 1.313  -0.031 1.001  0.70 3.98  0 1   ASN A OD1 1 ? 
ATOM   26 O OD1 B ASN A 1 2 ? 5.542  -1.659 -0.914 0.30 5.27  0 1   ASN A OD1 1 ? 
ATOM   27 N ND2 A ASN A 1 2 ? 1.850  -0.859 -1.005 0.70 4.21  0 1   ASN A ND2 1 ? 
ATOM   28 N ND2 B ASN A 1 2 ? 3.550  -1.331 -1.882 0.30 5.15  0 1   ASN A ND2 1 ? 
ATOM   29 N N   . PHE A 1 3 ? 2.435  -2.951 2.286  1.00 4.96  0 2   PHE A N   1 ? 
ATOM   30 C CA  . PHE A 1 3 ? 1.735  -4.257 2.215  1.00 5.12  0 2   PHE A CA  1 ? 
ATOM   31 C C   . PHE A 1 3 ? 0.276  -4.046 1.812  1.00 5.19  0 2   PHE A C   1 ? 
ATOM   32 O O   . PHE A 1 3 ? -0.412 -5.034 1.551  1.00 5.78  0 2   PHE A O   1 ? 
ATOM   33 C CB  . PHE A 1 3 ? 1.845  -4.955 3.566  1.00 5.05  0 2   PHE A CB  1 ? 
ATOM   34 C CG  . PHE A 1 3 ? 3.267  -5.296 3.927  1.00 5.06  0 2   PHE A CG  1 ? 
ATOM   35 C CD1 . PHE A 1 3 ? 3.849  -6.464 3.463  1.00 5.07  0 2   PHE A CD1 1 ? 
ATOM   36 C CD2 . PHE A 1 3 ? 4.038  -4.430 4.689  1.00 4.94  0 2   PHE A CD2 1 ? 
ATOM   37 C CE1 . PHE A 1 3 ? 5.156  -6.781 3.790  1.00 5.11  0 2   PHE A CE1 1 ? 
ATOM   38 C CE2 . PHE A 1 3 ? 5.346  -4.751 5.014  1.00 5.01  0 2   PHE A CE2 1 ? 
ATOM   39 C CZ  . PHE A 1 3 ? 5.907  -5.917 4.552  1.00 5.02  0 2   PHE A CZ  1 ? 
ATOM   40 N N   . GLY A 1 4 ? -0.158 -2.788 1.724  1.00 5.11  0 3   GLY A N   1 ? 
ATOM   41 C CA  . GLY A 1 4 ? -1.551 -2.404 1.456  1.00 5.02  0 3   GLY A CA  1 ? 
ATOM   42 C C   . GLY A 1 4 ? -1.680 -1.699 0.116  1.00 5.11  0 3   GLY A C   1 ? 
ATOM   43 O O   . GLY A 1 4 ? -0.875 -1.963 -0.804 1.00 4.75  0 3   GLY A O   1 ? 
ATOM   44 N N   . ALA A 1 5 ? -2.681 -0.836 0.009  1.00 5.34  0 4   ALA A N   1 ? 
ATOM   45 C CA  . ALA A 1 5 ? -2.970 -0.051 -1.207 1.00 5.56  0 4   ALA A CA  1 ? 
ATOM   46 C C   . ALA A 1 5 ? -2.684 1.427  -0.929 1.00 5.64  0 4   ALA A C   1 ? 
ATOM   47 O O   . ALA A 1 5 ? -3.193 1.964  0.075  1.00 5.63  0 4   ALA A O   1 ? 
ATOM   48 C CB  . ALA A 1 5 ? -4.394 -0.288 -1.634 1.00 5.58  0 4   ALA A CB  1 ? 
ATOM   49 N N   . ILE A 1 6 ? -1.877 2.056  -1.786 1.00 5.88  0 5   ILE A N   1 ? 
ATOM   50 C CA  . ILE A 1 6 ? -1.608 3.520  -1.727 1.00 6.16  0 5   ILE A CA  1 ? 
ATOM   51 C C   . ILE A 1 6 ? -2.049 4.117  -3.062 1.00 6.26  0 5   ILE A C   1 ? 
ATOM   52 O O   . ILE A 1 6 ? -1.488 3.729  -4.121 1.00 6.13  0 5   ILE A O   1 ? 
ATOM   53 C CB  . ILE A 1 6 ? -0.136 3.821  -1.387 1.00 6.25  0 5   ILE A CB  1 ? 
ATOM   54 C CG1 . ILE A 1 6 ? 0.239  3.230  -0.026 1.00 6.30  0 5   ILE A CG1 1 ? 
ATOM   55 C CG2 . ILE A 1 6 ? 0.131  5.316  -1.436 1.00 6.22  0 5   ILE A CG2 1 ? 
ATOM   56 C CD1 . ILE A 1 6 ? 1.705  3.370  0.333  1.00 6.36  0 5   ILE A CD1 1 ? 
ATOM   57 N N   . LEU A 1 7 ? -3.080 4.963  -3.003 1.00 6.61  0 6   LEU A N   1 ? 
ATOM   58 C CA  . LEU A 1 7 ? -3.724 5.612  -4.179 1.00 7.12  0 6   LEU A CA  1 ? 
ATOM   59 C C   . LEU A 1 7 ? -3.197 6.986  -4.264 1.00 7.70  0 6   LEU A C   1 ? 
ATOM   60 O O   . LEU A 1 7 ? -3.693 7.778  -3.437 1.00 7.97  0 6   LEU A O   1 ? 
ATOM   61 C CB  . LEU A 1 7 ? -5.241 5.426  -4.088 1.00 7.26  0 6   LEU A CB  1 ? 
ATOM   62 C CG  . LEU A 1 7 ? -5.805 4.199  -4.802 1.00 7.52  0 6   LEU A CG  1 ? 
ATOM   63 C CD1 . LEU A 1 7 ? -5.200 2.899  -4.289 1.00 7.48  0 6   LEU A CD1 1 ? 
ATOM   64 C CD2 . LEU A 1 7 ? -7.313 4.171  -4.656 1.00 7.49  0 6   LEU A CD2 1 ? 
HETATM 65 N N   . NH2 A 1 8 ? -2.184 7.332  -5.057 1.00 7.97  0 7   NH2 A N   1 ? 
HETATM 66 C C   . FMT B 2 . ? 1.192  -7.914 1.039  1.00 31.19 0 101 FMT A C   1 ? 
HETATM 67 O O1  . FMT B 2 . ? 1.060  -8.992 1.581  1.00 31.43 0 101 FMT A O1  1 ? 
HETATM 68 O O2  . FMT B 2 . ? 0.295  -7.333 0.302  1.00 31.09 0 101 FMT A O2  1 ? 
# 
